data_8T5J
#
_entry.id   8T5J
#
_cell.length_a   61.850
_cell.length_b   61.850
_cell.length_c   86.611
_cell.angle_alpha   90.00
_cell.angle_beta   90.00
_cell.angle_gamma   120.00
#
_symmetry.space_group_name_H-M   'P 31 2 1'
#
loop_
_entity.id
_entity.type
_entity.pdbx_description
1 polymer 'Outer membrane lipocarrier LolA family protein'
2 non-polymer 'CHLORIDE ION'
3 non-polymer 'MAGNESIUM ION'
4 non-polymer HEXANE-1,6-DIOL
5 non-polymer 'PENTAETHYLENE GLYCOL'
6 water water
#
_entity_poly.entity_id   1
_entity_poly.type   'polypeptide(L)'
_entity_poly.pdbx_seq_one_letter_code
;MASGSSHHHHHHSSGENLYFQGHLDLSKDSDFQAVEKQLTKDTNISGKFIQIRQIAGLNSSLKSSGTFKLTNDGSLLWQQ
QSPIKTTMQMSKNKLTQTIMDNPPTVLTRDDQPIVFTFTSVFMSVFKGDTKTISEFFNINFDGNTQNWTITLTPKSSPLN
KAIKEIILKGNRYITNIDVADTQDNIIKIELFDITTN
;
_entity_poly.pdbx_strand_id   A
#
loop_
_chem_comp.id
_chem_comp.type
_chem_comp.name
_chem_comp.formula
1PE non-polymer 'PENTAETHYLENE GLYCOL' 'C10 H22 O6'
CL non-polymer 'CHLORIDE ION' 'Cl -1'
HEZ non-polymer HEXANE-1,6-DIOL 'C6 H14 O2'
MG non-polymer 'MAGNESIUM ION' 'Mg 2'
#
# COMPACT_ATOMS: atom_id res chain seq x y z
N ASN A 44 8.91 -13.11 10.24
CA ASN A 44 8.57 -12.44 9.01
C ASN A 44 7.14 -12.81 8.57
N ILE A 45 6.53 -11.92 7.79
CA ILE A 45 5.18 -12.09 7.27
C ILE A 45 5.27 -12.04 5.76
N SER A 46 4.68 -13.01 5.08
CA SER A 46 4.66 -12.99 3.63
C SER A 46 3.27 -13.27 3.16
N GLY A 47 2.99 -12.84 1.94
CA GLY A 47 1.69 -13.10 1.38
C GLY A 47 1.63 -12.77 -0.09
N LYS A 48 0.42 -12.75 -0.59
CA LYS A 48 0.12 -12.48 -1.99
C LYS A 48 -0.85 -11.31 -2.07
N PHE A 49 -0.87 -10.67 -3.24
CA PHE A 49 -1.77 -9.55 -3.46
C PHE A 49 -2.33 -9.56 -4.87
N ILE A 50 -3.55 -9.05 -4.99
CA ILE A 50 -4.13 -8.66 -6.27
C ILE A 50 -4.45 -7.17 -6.15
N GLN A 51 -4.10 -6.41 -7.17
CA GLN A 51 -4.28 -4.97 -7.19
CA GLN A 51 -4.30 -4.98 -7.18
C GLN A 51 -5.16 -4.60 -8.38
N ILE A 52 -6.16 -3.78 -8.15
CA ILE A 52 -7.07 -3.31 -9.19
C ILE A 52 -7.07 -1.80 -9.14
N ARG A 53 -6.61 -1.16 -10.22
CA ARG A 53 -6.59 0.29 -10.29
C ARG A 53 -7.73 0.79 -11.15
N GLN A 54 -8.56 1.65 -10.58
CA GLN A 54 -9.68 2.25 -11.26
C GLN A 54 -9.32 3.72 -11.46
N ILE A 55 -8.99 4.07 -12.68
CA ILE A 55 -8.60 5.44 -13.04
C ILE A 55 -9.80 6.10 -13.69
N ALA A 56 -10.21 7.24 -13.14
CA ALA A 56 -11.26 8.06 -13.72
C ALA A 56 -10.94 8.41 -15.17
N GLY A 57 -11.86 8.12 -16.04
CA GLY A 57 -11.67 8.40 -17.45
C GLY A 57 -11.17 7.23 -18.27
N LEU A 58 -10.70 6.16 -17.64
CA LEU A 58 -10.41 4.93 -18.38
C LEU A 58 -11.63 4.04 -18.34
N ASN A 59 -11.82 3.26 -19.41
CA ASN A 59 -12.98 2.39 -19.51
C ASN A 59 -12.70 0.95 -19.10
N SER A 60 -11.60 0.69 -18.41
CA SER A 60 -11.32 -0.61 -17.84
C SER A 60 -10.45 -0.40 -16.62
N SER A 61 -10.44 -1.39 -15.75
CA SER A 61 -9.60 -1.39 -14.57
CA SER A 61 -9.58 -1.34 -14.58
C SER A 61 -8.30 -2.09 -14.90
N LEU A 62 -7.23 -1.67 -14.25
CA LEU A 62 -5.92 -2.24 -14.50
C LEU A 62 -5.56 -3.16 -13.36
N LYS A 63 -5.30 -4.41 -13.69
CA LYS A 63 -5.11 -5.46 -12.70
CA LYS A 63 -5.12 -5.49 -12.72
C LYS A 63 -3.66 -5.91 -12.68
N SER A 64 -3.15 -6.19 -11.48
CA SER A 64 -1.81 -6.72 -11.32
C SER A 64 -1.84 -7.61 -10.08
N SER A 65 -0.78 -8.39 -9.92
CA SER A 65 -0.73 -9.30 -8.79
C SER A 65 0.71 -9.66 -8.48
N GLY A 66 0.91 -10.18 -7.28
CA GLY A 66 2.27 -10.56 -6.90
C GLY A 66 2.32 -11.02 -5.45
N THR A 67 3.49 -10.84 -4.85
CA THR A 67 3.78 -11.25 -3.50
C THR A 67 4.36 -10.11 -2.70
N PHE A 68 4.34 -10.28 -1.38
CA PHE A 68 5.04 -9.35 -0.51
C PHE A 68 5.66 -10.12 0.65
N LYS A 69 6.74 -9.56 1.19
CA LYS A 69 7.41 -10.11 2.35
C LYS A 69 7.80 -8.96 3.26
N LEU A 70 7.42 -9.05 4.52
CA LEU A 70 7.88 -8.15 5.57
C LEU A 70 8.89 -8.93 6.39
N THR A 71 10.13 -8.48 6.38
CA THR A 71 11.23 -9.21 7.00
C THR A 71 11.44 -8.74 8.44
N ASN A 72 12.27 -9.49 9.17
CA ASN A 72 12.51 -9.27 10.60
C ASN A 72 13.12 -7.91 10.91
N ASP A 73 13.63 -7.20 9.91
CA ASP A 73 14.44 -6.01 10.12
C ASP A 73 13.73 -4.72 9.70
N GLY A 74 12.41 -4.77 9.55
CA GLY A 74 11.68 -3.59 9.12
C GLY A 74 11.75 -3.30 7.64
N SER A 75 11.97 -4.32 6.81
CA SER A 75 12.03 -4.18 5.37
C SER A 75 10.77 -4.77 4.72
N LEU A 76 10.40 -4.20 3.58
CA LEU A 76 9.32 -4.70 2.75
C LEU A 76 9.87 -5.00 1.37
N LEU A 77 9.56 -6.18 0.85
CA LEU A 77 9.81 -6.54 -0.53
C LEU A 77 8.46 -6.80 -1.18
N TRP A 78 8.12 -5.98 -2.15
CA TRP A 78 6.86 -6.05 -2.87
C TRP A 78 7.17 -6.45 -4.31
N GLN A 79 6.76 -7.63 -4.72
CA GLN A 79 7.13 -8.15 -6.03
C GLN A 79 5.86 -8.35 -6.85
N GLN A 80 5.65 -7.48 -7.82
CA GLN A 80 4.61 -7.66 -8.80
C GLN A 80 5.10 -8.67 -9.83
N GLN A 81 4.30 -9.70 -10.07
CA GLN A 81 4.70 -10.75 -10.98
CA GLN A 81 4.64 -10.81 -10.94
C GLN A 81 3.85 -10.79 -12.23
N SER A 82 2.71 -10.09 -12.25
CA SER A 82 1.85 -10.11 -13.42
C SER A 82 1.15 -8.77 -13.46
N PRO A 83 0.87 -8.23 -14.65
CA PRO A 83 1.14 -8.78 -15.99
C PRO A 83 2.54 -8.47 -16.49
N ILE A 84 3.22 -7.64 -15.72
CA ILE A 84 4.58 -7.18 -15.98
C ILE A 84 5.32 -7.23 -14.64
N LYS A 85 6.60 -7.58 -14.65
CA LYS A 85 7.34 -7.70 -13.41
C LYS A 85 7.85 -6.34 -12.94
N THR A 86 7.51 -5.98 -11.70
CA THR A 86 8.09 -4.83 -11.04
C THR A 86 8.36 -5.21 -9.60
N THR A 87 9.28 -4.50 -8.97
CA THR A 87 9.66 -4.75 -7.60
C THR A 87 9.76 -3.44 -6.86
N MET A 88 9.25 -3.41 -5.65
CA MET A 88 9.42 -2.29 -4.76
CA MET A 88 9.41 -2.28 -4.75
C MET A 88 10.05 -2.78 -3.47
N GLN A 89 10.95 -1.99 -2.91
CA GLN A 89 11.61 -2.37 -1.68
C GLN A 89 11.65 -1.16 -0.77
N MET A 90 11.28 -1.37 0.49
CA MET A 90 11.46 -0.37 1.54
C MET A 90 12.42 -0.96 2.56
N SER A 91 13.57 -0.30 2.73
CA SER A 91 14.63 -0.83 3.58
C SER A 91 15.38 0.36 4.14
N LYS A 92 15.39 0.50 5.46
CA LYS A 92 16.04 1.65 6.10
C LYS A 92 15.32 2.94 5.71
N ASN A 93 14.00 2.89 5.70
CA ASN A 93 13.13 4.01 5.29
C ASN A 93 13.46 4.55 3.89
N LYS A 94 14.22 3.81 3.09
CA LYS A 94 14.43 4.16 1.69
C LYS A 94 13.55 3.29 0.81
N LEU A 95 12.75 3.93 -0.04
CA LEU A 95 11.84 3.23 -0.94
C LEU A 95 12.38 3.25 -2.36
N THR A 96 12.56 2.08 -2.95
CA THR A 96 13.04 1.97 -4.32
C THR A 96 12.11 1.10 -5.15
N GLN A 97 12.14 1.33 -6.46
CA GLN A 97 11.30 0.59 -7.38
C GLN A 97 12.10 0.22 -8.62
N THR A 98 11.89 -0.99 -9.11
CA THR A 98 12.45 -1.41 -10.38
CA THR A 98 12.46 -1.47 -10.36
C THR A 98 11.33 -1.91 -11.27
N ILE A 99 11.30 -1.40 -12.50
CA ILE A 99 10.32 -1.81 -13.50
C ILE A 99 11.04 -2.75 -14.46
N MET A 100 10.57 -4.00 -14.55
CA MET A 100 11.15 -5.02 -15.45
C MET A 100 12.66 -5.05 -15.20
N ASP A 101 13.49 -4.98 -16.25
CA ASP A 101 14.94 -5.01 -16.12
CA ASP A 101 14.94 -5.01 -16.16
C ASP A 101 15.54 -3.62 -16.11
N ASN A 102 14.75 -2.59 -15.91
CA ASN A 102 15.29 -1.25 -15.93
C ASN A 102 16.03 -0.98 -14.64
N PRO A 103 16.85 0.08 -14.60
CA PRO A 103 17.55 0.43 -13.38
C PRO A 103 16.58 0.88 -12.29
N PRO A 104 16.90 0.62 -11.03
CA PRO A 104 16.02 1.04 -9.95
C PRO A 104 16.02 2.54 -9.78
N THR A 105 14.90 3.04 -9.24
CA THR A 105 14.81 4.44 -8.88
C THR A 105 14.31 4.57 -7.45
N VAL A 106 14.60 5.70 -6.85
CA VAL A 106 14.14 6.03 -5.51
C VAL A 106 12.79 6.71 -5.62
N LEU A 107 11.82 6.25 -4.84
CA LEU A 107 10.51 6.87 -4.76
C LEU A 107 10.51 7.78 -3.54
N THR A 108 9.90 8.95 -3.68
CA THR A 108 9.90 9.97 -2.64
C THR A 108 8.49 10.32 -2.20
N ARG A 109 8.38 10.79 -0.96
CA ARG A 109 7.11 11.30 -0.44
C ARG A 109 6.54 12.38 -1.34
N ASP A 110 7.41 13.24 -1.85
CA ASP A 110 7.03 14.46 -2.57
CA ASP A 110 6.94 14.43 -2.54
C ASP A 110 6.48 14.12 -3.96
N ASP A 111 7.18 13.26 -4.69
CA ASP A 111 6.83 12.97 -6.08
C ASP A 111 5.98 11.73 -6.23
N GLN A 112 6.05 10.82 -5.27
CA GLN A 112 5.28 9.58 -5.30
C GLN A 112 4.49 9.47 -4.00
N PRO A 113 3.70 10.48 -3.65
CA PRO A 113 3.04 10.46 -2.34
C PRO A 113 2.10 9.32 -2.14
N ILE A 114 1.41 8.88 -3.16
CA ILE A 114 0.40 7.85 -2.92
CA ILE A 114 0.40 7.83 -2.99
C ILE A 114 1.08 6.51 -2.65
N VAL A 115 2.04 6.14 -3.49
N VAL A 115 2.07 6.13 -3.45
CA VAL A 115 2.79 4.91 -3.29
CA VAL A 115 2.71 4.83 -3.22
C VAL A 115 3.56 4.97 -1.97
C VAL A 115 3.68 4.90 -2.03
N PHE A 116 4.27 6.07 -1.75
CA PHE A 116 5.06 6.19 -0.54
C PHE A 116 4.18 6.03 0.69
N THR A 117 3.03 6.70 0.69
CA THR A 117 2.14 6.64 1.84
C THR A 117 1.52 5.27 1.98
N PHE A 118 1.09 4.67 0.88
CA PHE A 118 0.60 3.30 0.92
C PHE A 118 1.61 2.40 1.59
N THR A 119 2.85 2.47 1.14
CA THR A 119 3.86 1.54 1.62
C THR A 119 4.11 1.75 3.10
N SER A 120 4.22 3.01 3.51
CA SER A 120 4.44 3.31 4.92
CA SER A 120 4.43 3.31 4.93
C SER A 120 3.26 2.84 5.79
N VAL A 121 2.04 3.12 5.36
CA VAL A 121 0.86 2.68 6.12
C VAL A 121 0.81 1.17 6.22
N PHE A 122 1.02 0.49 5.10
CA PHE A 122 1.06 -0.97 5.06
C PHE A 122 1.99 -1.52 6.12
N MET A 123 3.23 -1.02 6.14
CA MET A 123 4.20 -1.51 7.11
C MET A 123 3.76 -1.14 8.51
N SER A 124 3.28 0.09 8.70
CA SER A 124 2.88 0.49 10.04
C SER A 124 1.74 -0.36 10.58
N VAL A 125 0.74 -0.67 9.75
CA VAL A 125 -0.39 -1.40 10.28
C VAL A 125 0.01 -2.82 10.64
N PHE A 126 0.87 -3.44 9.82
CA PHE A 126 1.30 -4.79 10.12
C PHE A 126 2.08 -4.85 11.43
N LYS A 127 2.79 -3.79 11.78
CA LYS A 127 3.51 -3.84 13.04
C LYS A 127 2.75 -3.17 14.18
N GLY A 128 1.51 -2.74 13.95
CA GLY A 128 0.70 -2.18 15.02
C GLY A 128 1.03 -0.76 15.41
N ASP A 129 1.71 -0.02 14.52
CA ASP A 129 2.23 1.31 14.85
C ASP A 129 1.23 2.38 14.46
N THR A 130 0.10 2.41 15.18
CA THR A 130 -0.86 3.48 14.96
C THR A 130 -0.36 4.81 15.50
N LYS A 131 0.59 4.81 16.42
CA LYS A 131 1.19 6.07 16.85
C LYS A 131 1.73 6.85 15.65
N THR A 132 2.56 6.22 14.83
CA THR A 132 3.09 6.92 13.68
C THR A 132 2.00 7.29 12.69
N ILE A 133 1.07 6.37 12.44
CA ILE A 133 -0.03 6.66 11.53
C ILE A 133 -0.77 7.89 11.99
N SER A 134 -1.00 7.98 13.31
CA SER A 134 -1.79 9.08 13.87
C SER A 134 -1.13 10.43 13.69
N GLU A 135 0.17 10.47 13.45
CA GLU A 135 0.81 11.75 13.19
C GLU A 135 0.33 12.35 11.88
N PHE A 136 -0.08 11.51 10.94
CA PHE A 136 -0.43 11.95 9.61
C PHE A 136 -1.91 11.78 9.26
N PHE A 137 -2.63 10.93 9.97
CA PHE A 137 -3.99 10.56 9.62
C PHE A 137 -4.90 10.63 10.83
N ASN A 138 -6.13 11.06 10.60
CA ASN A 138 -7.25 10.71 11.46
C ASN A 138 -7.51 9.22 11.32
N ILE A 139 -7.78 8.52 12.42
CA ILE A 139 -7.99 7.09 12.41
C ILE A 139 -9.37 6.79 12.98
N ASN A 140 -10.17 6.07 12.22
CA ASN A 140 -11.42 5.52 12.70
C ASN A 140 -11.36 4.01 12.65
N PHE A 141 -11.80 3.38 13.71
CA PHE A 141 -11.85 1.92 13.78
C PHE A 141 -13.28 1.51 14.05
N ASP A 142 -13.75 0.59 13.24
CA ASP A 142 -15.04 -0.03 13.45
C ASP A 142 -14.87 -1.52 13.36
N GLY A 143 -15.54 -2.24 14.27
CA GLY A 143 -15.64 -3.69 14.15
C GLY A 143 -14.99 -4.41 15.31
N ASN A 144 -14.48 -5.59 15.02
CA ASN A 144 -14.01 -6.49 16.05
C ASN A 144 -12.89 -7.32 15.46
N THR A 145 -12.37 -8.24 16.26
CA THR A 145 -11.18 -8.96 15.85
C THR A 145 -11.42 -9.83 14.63
N GLN A 146 -12.66 -10.24 14.38
CA GLN A 146 -12.97 -11.10 13.23
C GLN A 146 -13.35 -10.32 12.00
N ASN A 147 -13.63 -9.02 12.13
CA ASN A 147 -14.06 -8.23 10.99
C ASN A 147 -14.01 -6.77 11.38
N TRP A 148 -13.03 -6.06 10.86
CA TRP A 148 -12.82 -4.67 11.23
C TRP A 148 -12.50 -3.87 9.97
N THR A 149 -12.75 -2.56 10.10
CA THR A 149 -12.43 -1.58 9.07
C THR A 149 -11.73 -0.42 9.74
N ILE A 150 -10.59 -0.01 9.17
CA ILE A 150 -9.90 1.19 9.61
C ILE A 150 -10.00 2.20 8.49
N THR A 151 -10.47 3.38 8.82
CA THR A 151 -10.55 4.49 7.88
C THR A 151 -9.52 5.52 8.26
N LEU A 152 -8.67 5.89 7.29
CA LEU A 152 -7.63 6.89 7.47
C LEU A 152 -7.96 8.07 6.58
N THR A 153 -8.04 9.26 7.16
CA THR A 153 -8.12 10.47 6.36
C THR A 153 -6.96 11.39 6.72
N PRO A 154 -6.31 12.00 5.75
CA PRO A 154 -5.14 12.82 6.08
C PRO A 154 -5.48 14.04 6.89
N LYS A 155 -4.61 14.34 7.86
CA LYS A 155 -4.84 15.48 8.73
C LYS A 155 -4.56 16.79 8.04
N SER A 156 -3.59 16.84 7.14
CA SER A 156 -3.08 18.14 6.72
C SER A 156 -2.46 18.06 5.34
N SER A 157 -2.06 19.22 4.86
CA SER A 157 -1.27 19.29 3.65
CA SER A 157 -1.26 19.31 3.65
C SER A 157 0.19 18.97 3.99
N PRO A 158 0.94 18.43 3.04
CA PRO A 158 0.59 18.16 1.64
C PRO A 158 -0.14 16.85 1.41
N LEU A 159 -0.22 15.98 2.43
CA LEU A 159 -0.79 14.67 2.21
C LEU A 159 -2.23 14.78 1.72
N ASN A 160 -3.00 15.74 2.26
CA ASN A 160 -4.39 15.86 1.86
C ASN A 160 -4.57 16.49 0.50
N LYS A 161 -3.48 16.86 -0.16
CA LYS A 161 -3.55 17.24 -1.57
C LYS A 161 -3.54 16.03 -2.48
N ALA A 162 -3.08 14.87 -1.98
CA ALA A 162 -2.94 13.68 -2.79
C ALA A 162 -3.88 12.56 -2.40
N ILE A 163 -4.15 12.37 -1.11
CA ILE A 163 -4.92 11.24 -0.60
C ILE A 163 -6.23 11.78 -0.09
N LYS A 164 -7.32 11.18 -0.56
CA LYS A 164 -8.64 11.41 0.02
C LYS A 164 -8.84 10.55 1.25
N GLU A 165 -8.62 9.25 1.13
CA GLU A 165 -8.77 8.32 2.25
C GLU A 165 -8.06 7.02 1.91
N ILE A 166 -7.68 6.31 2.95
CA ILE A 166 -7.22 4.93 2.85
C ILE A 166 -8.11 4.11 3.77
N ILE A 167 -8.69 3.04 3.21
CA ILE A 167 -9.57 2.14 3.93
CA ILE A 167 -9.57 2.13 3.94
C ILE A 167 -8.87 0.78 4.04
N LEU A 168 -8.68 0.30 5.26
CA LEU A 168 -8.15 -1.03 5.49
C LEU A 168 -9.23 -1.90 6.12
N LYS A 169 -9.34 -3.13 5.67
CA LYS A 169 -10.29 -4.07 6.21
C LYS A 169 -9.53 -5.34 6.52
N GLY A 170 -9.96 -6.07 7.53
CA GLY A 170 -9.25 -7.29 7.83
C GLY A 170 -9.86 -8.04 8.99
N ASN A 171 -9.13 -9.09 9.36
CA ASN A 171 -9.47 -9.95 10.48
C ASN A 171 -8.18 -10.24 11.24
N ARG A 172 -7.70 -11.48 11.26
CA ARG A 172 -6.36 -11.73 11.81
C ARG A 172 -5.33 -10.83 11.13
N TYR A 173 -5.49 -10.62 9.83
CA TYR A 173 -4.64 -9.78 9.03
C TYR A 173 -5.48 -8.80 8.23
N ILE A 174 -4.81 -7.79 7.69
CA ILE A 174 -5.40 -6.99 6.63
C ILE A 174 -5.81 -7.92 5.51
N THR A 175 -7.04 -7.75 5.01
CA THR A 175 -7.50 -8.42 3.79
C THR A 175 -7.64 -7.49 2.61
N ASN A 176 -7.94 -6.22 2.85
CA ASN A 176 -8.19 -5.29 1.77
C ASN A 176 -7.64 -3.93 2.11
N ILE A 177 -7.09 -3.26 1.11
CA ILE A 177 -6.66 -1.87 1.25
C ILE A 177 -7.16 -1.12 0.05
N ASP A 178 -7.92 -0.05 0.29
CA ASP A 178 -8.37 0.82 -0.78
C ASP A 178 -7.69 2.16 -0.58
N VAL A 179 -7.08 2.69 -1.63
CA VAL A 179 -6.41 3.98 -1.59
C VAL A 179 -7.09 4.88 -2.59
N ALA A 180 -7.79 5.90 -2.11
CA ALA A 180 -8.47 6.85 -2.96
C ALA A 180 -7.70 8.15 -3.01
N ASP A 181 -7.37 8.61 -4.22
CA ASP A 181 -6.69 9.89 -4.29
C ASP A 181 -7.72 11.00 -4.40
N THR A 182 -7.24 12.22 -4.57
CA THR A 182 -8.07 13.41 -4.65
C THR A 182 -8.56 13.69 -6.06
N GLN A 183 -8.36 12.76 -7.00
CA GLN A 183 -8.71 12.95 -8.40
C GLN A 183 -9.60 11.83 -8.91
N ASP A 184 -10.39 11.23 -8.02
CA ASP A 184 -11.39 10.21 -8.31
C ASP A 184 -10.79 8.92 -8.81
N ASN A 185 -9.52 8.64 -8.51
CA ASN A 185 -8.94 7.35 -8.79
C ASN A 185 -8.89 6.53 -7.53
N ILE A 186 -9.00 5.22 -7.67
CA ILE A 186 -8.99 4.34 -6.53
C ILE A 186 -8.16 3.11 -6.87
N ILE A 187 -7.27 2.73 -5.97
CA ILE A 187 -6.53 1.47 -6.04
C ILE A 187 -7.11 0.55 -4.98
N LYS A 188 -7.52 -0.65 -5.40
CA LYS A 188 -8.06 -1.63 -4.48
C LYS A 188 -7.15 -2.83 -4.44
N ILE A 189 -6.63 -3.13 -3.25
CA ILE A 189 -5.67 -4.21 -3.05
C ILE A 189 -6.30 -5.27 -2.16
N GLU A 190 -6.22 -6.51 -2.59
CA GLU A 190 -6.62 -7.66 -1.79
C GLU A 190 -5.35 -8.41 -1.38
N LEU A 191 -5.26 -8.74 -0.11
CA LEU A 191 -4.12 -9.49 0.39
C LEU A 191 -4.62 -10.85 0.80
N PHE A 192 -3.85 -11.87 0.47
CA PHE A 192 -4.26 -13.24 0.81
C PHE A 192 -3.03 -14.10 0.97
N ASP A 193 -3.24 -15.34 1.40
CA ASP A 193 -2.17 -16.30 1.66
C ASP A 193 -1.13 -15.73 2.59
N ILE A 194 -1.54 -14.90 3.54
CA ILE A 194 -0.61 -14.32 4.50
C ILE A 194 -0.24 -15.35 5.56
N THR A 195 1.04 -15.46 5.84
CA THR A 195 1.54 -16.39 6.83
CA THR A 195 1.57 -16.41 6.82
C THR A 195 2.68 -15.72 7.59
N THR A 196 2.73 -15.96 8.88
CA THR A 196 3.75 -15.42 9.76
C THR A 196 4.63 -16.58 10.15
N ASN A 197 5.93 -16.47 9.88
CA ASN A 197 6.85 -17.54 10.25
C ASN A 197 8.15 -16.99 10.77
CL CL B . 2.19 8.39 -6.16
CL CL C . 16.77 7.58 -8.29
MG MG D . 11.11 15.58 -5.50
MG MG E . -9.57 -4.09 -1.73
O1 HEZ F . 3.75 5.02 8.39
C1 HEZ F . 2.45 5.48 8.56
C2 HEZ F . 2.43 6.99 8.38
C3 HEZ F . 2.44 7.37 6.92
C4 HEZ F . 3.50 8.40 6.56
C5 HEZ F . 3.41 8.76 5.08
C6 HEZ F . 4.00 10.11 4.75
O6 HEZ F . 3.40 10.55 3.54
O1 HEZ G . -0.28 4.56 -7.16
C1 HEZ G . -0.52 4.20 -5.81
C2 HEZ G . -0.43 2.69 -5.71
C3 HEZ G . -0.50 2.12 -4.29
C4 HEZ G . -0.01 0.68 -4.23
C5 HEZ G . 1.18 0.42 -5.11
C6 HEZ G . 2.04 -0.73 -4.69
O6 HEZ G . 3.21 -0.69 -5.51
O1 HEZ H . -18.71 -11.94 15.17
C1 HEZ H . -17.83 -12.55 16.10
C2 HEZ H . -17.05 -11.46 16.80
C3 HEZ H . -16.15 -11.99 17.92
C4 HEZ H . -15.54 -10.84 18.72
C5 HEZ H . -14.17 -11.14 19.29
C6 HEZ H . -13.54 -9.92 19.93
O6 HEZ H . -13.32 -8.87 19.00
OH2 1PE I . -4.00 6.03 -9.99
C12 1PE I . -4.16 6.78 -11.18
C22 1PE I . -3.56 8.16 -11.10
OH3 1PE I . -3.27 8.69 -12.38
C13 1PE I . -4.00 9.70 -14.43
C23 1PE I . -4.38 8.92 -13.20
OH4 1PE I . -3.72 8.80 -15.48
C14 1PE I . -3.60 8.38 -17.83
C24 1PE I . -4.11 9.27 -16.74
OH5 1PE I . -4.62 8.06 -18.74
C15 1PE I . -4.46 10.09 -19.97
C25 1PE I . -4.41 8.59 -20.02
OH6 1PE I . -5.13 10.57 -21.13
C16 1PE I . -4.21 11.57 -23.08
C26 1PE I . -4.65 11.80 -21.65
OH7 1PE I . -3.02 12.27 -23.43
#